data_6PS8
#
_entry.id   6PS8
#
_cell.length_a   122.200
_cell.length_b   122.200
_cell.length_c   122.600
_cell.angle_alpha   90.000
_cell.angle_beta   90.000
_cell.angle_gamma   90.000
#
_symmetry.space_group_name_H-M   'P 4 21 2'
#
loop_
_entity.id
_entity.type
_entity.pdbx_description
1 polymer 'Fusion protein of Melatonin receptor type 1A and GlgA glycogen synthase'
2 non-polymer N-[2-(5-methoxy-2-phenyl-1H-indol-3-yl)ethyl]acetamide
#
_entity_poly.entity_id   1
_entity_poly.type   'polypeptide(L)'
_entity_poly.pdbx_seq_one_letter_code
;GTSQPVLRGDGARPSWLASALACVLIFTIVVDILGNLLVILSVYRNKKLRNAGNIFVVSLAVANLVVAIYPYPLVLMSIF
NNGWNFGYLHCQVSAFLMGLSVIGSIWNITGIAIDRYLYICHSLKYDKLYSSKNSLCYVLLIWLLTLAAVLPNLRAGTLQ
YDPRIYSCTFAQSVSSAYTIAVVVFHFLVPMIIVIFCYLRIWILVLQVRGID(YCM)SFWNESYLTGSRDERKKSLLSKF
GMDEGVTFMFIGRFDRGQKGVDVLLKAIEILSSKKEFQEMRFIIIGKGDPELEGWARSLEEKHGNVKVITEMLSREFVRE
LYGSVDFVIIPSYFEPFGLVALEAMCLGAIPIASAVGGLRDIITNETGILVKAGDPGELANAILKALELSRSDLSKFREN
CKKRAMSFSKLKPQDFRNFVTMFVVFVLFAICFAPLNFIGLAVASDPASMVPRIPEWLFVASYYMAYFNSCLNPIIYGLL
DQNFRKEYRRIIVSLCTARVFFVDSSN
;
_entity_poly.pdbx_strand_id   A
#
loop_
_chem_comp.id
_chem_comp.type
_chem_comp.name
_chem_comp.formula
JEY non-polymer N-[2-(5-methoxy-2-phenyl-1H-indol-3-yl)ethyl]acetamide 'C19 H20 N2 O2'
#
# COMPACT_ATOMS: atom_id res chain seq x y z
N PRO A 14 -34.58 -12.23 24.95
CA PRO A 14 -33.84 -11.04 24.55
C PRO A 14 -34.67 -9.74 24.64
N SER A 15 -35.10 -9.38 25.85
CA SER A 15 -36.03 -8.26 26.08
C SER A 15 -35.41 -6.89 25.81
N TRP A 16 -34.34 -6.57 26.55
CA TRP A 16 -33.60 -5.30 26.39
C TRP A 16 -32.78 -5.23 25.10
N LEU A 17 -32.41 -6.39 24.53
CA LEU A 17 -31.67 -6.47 23.27
C LEU A 17 -32.40 -5.89 22.05
N ALA A 18 -33.72 -5.69 22.16
CA ALA A 18 -34.50 -4.98 21.15
C ALA A 18 -34.32 -3.47 21.27
N SER A 19 -34.48 -2.95 22.48
CA SER A 19 -34.33 -1.50 22.75
C SER A 19 -32.93 -1.00 22.42
N ALA A 20 -31.91 -1.80 22.71
CA ALA A 20 -30.51 -1.49 22.38
C ALA A 20 -30.28 -1.31 20.88
N LEU A 21 -30.90 -2.18 20.07
CA LEU A 21 -30.80 -2.09 18.61
C LEU A 21 -31.46 -0.83 18.02
N ALA A 22 -32.40 -0.23 18.75
CA ALA A 22 -32.96 1.07 18.39
C ALA A 22 -31.94 2.20 18.59
N CYS A 23 -31.28 2.22 19.74
CA CYS A 23 -30.22 3.21 20.04
C CYS A 23 -29.13 3.24 18.98
N VAL A 24 -28.64 2.06 18.59
CA VAL A 24 -27.53 1.94 17.66
C VAL A 24 -27.86 2.60 16.32
N LEU A 25 -29.07 2.34 15.81
CA LEU A 25 -29.53 2.98 14.58
C LEU A 25 -29.80 4.46 14.79
N ILE A 26 -30.54 4.81 15.85
CA ILE A 26 -30.85 6.22 16.19
C ILE A 26 -29.58 7.10 16.13
N PHE A 27 -28.53 6.63 16.81
CA PHE A 27 -27.21 7.24 16.74
C PHE A 27 -26.73 7.30 15.29
N THR A 28 -26.69 6.13 14.65
CA THR A 28 -26.20 5.97 13.27
C THR A 28 -26.88 6.90 12.25
N ILE A 29 -28.20 7.09 12.36
CA ILE A 29 -28.92 7.90 11.36
C ILE A 29 -28.57 9.38 11.54
N VAL A 30 -28.63 9.87 12.78
CA VAL A 30 -28.38 11.28 13.07
C VAL A 30 -26.92 11.66 12.80
N VAL A 31 -25.99 10.82 13.24
CA VAL A 31 -24.56 11.07 13.02
C VAL A 31 -24.25 11.06 11.52
N ASP A 32 -24.71 10.03 10.82
CA ASP A 32 -24.54 9.94 9.36
C ASP A 32 -25.13 11.16 8.63
N ILE A 33 -26.35 11.54 9.02
CA ILE A 33 -27.05 12.65 8.36
C ILE A 33 -26.27 13.96 8.47
N LEU A 34 -25.92 14.34 9.69
CA LEU A 34 -25.25 15.61 9.95
C LEU A 34 -23.78 15.52 9.62
N GLY A 35 -23.15 14.43 10.08
CA GLY A 35 -21.73 14.17 9.84
C GLY A 35 -21.33 14.23 8.38
N ASN A 36 -21.86 13.32 7.57
CA ASN A 36 -21.52 13.29 6.13
C ASN A 36 -22.06 14.51 5.35
N LEU A 37 -23.01 15.25 5.91
CA LEU A 37 -23.41 16.55 5.35
C LEU A 37 -22.30 17.58 5.51
N LEU A 38 -21.65 17.59 6.68
CA LEU A 38 -20.45 18.43 6.92
C LEU A 38 -19.27 18.09 5.99
N VAL A 39 -19.09 16.79 5.71
CA VAL A 39 -18.01 16.31 4.86
C VAL A 39 -18.13 16.84 3.42
N ILE A 40 -19.37 16.98 2.92
CA ILE A 40 -19.58 17.58 1.60
C ILE A 40 -19.32 19.08 1.69
N LEU A 41 -19.86 19.70 2.74
CA LEU A 41 -19.64 21.13 3.02
C LEU A 41 -18.16 21.46 3.11
N SER A 42 -17.45 20.78 4.01
CA SER A 42 -16.03 21.01 4.27
C SER A 42 -15.13 20.93 3.03
N VAL A 43 -15.42 20.01 2.12
CA VAL A 43 -14.65 19.85 0.87
C VAL A 43 -14.89 21.04 -0.07
N TYR A 44 -16.15 21.44 -0.23
CA TYR A 44 -16.50 22.63 -1.02
C TYR A 44 -16.03 23.93 -0.34
N ARG A 45 -16.07 23.97 0.99
CA ARG A 45 -15.78 25.18 1.80
C ARG A 45 -14.28 25.45 2.07
N ASN A 46 -13.44 24.40 2.05
CA ASN A 46 -12.01 24.51 2.39
C ASN A 46 -11.12 24.35 1.16
N LYS A 47 -10.31 25.37 0.88
CA LYS A 47 -9.38 25.37 -0.27
C LYS A 47 -8.30 24.27 -0.16
N LYS A 48 -7.90 23.93 1.07
CA LYS A 48 -6.94 22.85 1.30
C LYS A 48 -7.52 21.46 1.01
N LEU A 49 -8.79 21.26 1.40
CA LEU A 49 -9.50 20.00 1.12
C LEU A 49 -10.24 19.98 -0.23
N ARG A 50 -10.14 21.05 -1.03
CA ARG A 50 -10.88 21.18 -2.30
C ARG A 50 -10.21 20.48 -3.50
N ASN A 51 -9.08 19.79 -3.29
CA ASN A 51 -8.40 19.08 -4.39
C ASN A 51 -9.28 17.96 -4.98
N ALA A 52 -9.05 17.64 -6.26
CA ALA A 52 -9.85 16.64 -6.99
C ALA A 52 -9.62 15.19 -6.53
N GLY A 53 -8.55 14.93 -5.78
CA GLY A 53 -8.34 13.64 -5.12
C GLY A 53 -9.42 13.28 -4.10
N ASN A 54 -9.96 14.29 -3.44
CA ASN A 54 -11.06 14.13 -2.49
C ASN A 54 -12.46 14.19 -3.12
N ILE A 55 -12.56 14.00 -4.44
CA ILE A 55 -13.84 13.74 -5.10
C ILE A 55 -14.40 12.41 -4.60
N PHE A 56 -13.53 11.42 -4.42
CA PHE A 56 -13.92 10.12 -3.85
C PHE A 56 -14.55 10.23 -2.45
N VAL A 57 -14.06 11.15 -1.63
CA VAL A 57 -14.55 11.30 -0.24
C VAL A 57 -16.02 11.77 -0.19
N VAL A 58 -16.41 12.62 -1.14
CA VAL A 58 -17.81 13.08 -1.27
C VAL A 58 -18.71 11.97 -1.82
N SER A 59 -18.24 11.29 -2.86
CA SER A 59 -18.90 10.12 -3.43
C SER A 59 -19.17 9.06 -2.35
N LEU A 60 -18.17 8.83 -1.49
CA LEU A 60 -18.29 7.94 -0.32
C LEU A 60 -19.26 8.47 0.74
N ALA A 61 -19.18 9.77 1.02
CA ALA A 61 -20.07 10.41 1.98
C ALA A 61 -21.54 10.48 1.51
N VAL A 62 -21.77 10.39 0.20
CA VAL A 62 -23.13 10.22 -0.34
C VAL A 62 -23.63 8.80 -0.03
N ALA A 63 -22.85 7.80 -0.44
CA ALA A 63 -23.18 6.38 -0.20
C ALA A 63 -23.56 6.09 1.26
N ASN A 64 -22.73 6.57 2.19
CA ASN A 64 -23.05 6.54 3.62
C ASN A 64 -24.39 7.23 3.89
N LEU A 65 -24.52 8.45 3.38
CA LEU A 65 -25.66 9.33 3.66
C LEU A 65 -27.01 8.91 3.07
N VAL A 66 -26.99 8.11 1.98
CA VAL A 66 -28.22 7.64 1.30
C VAL A 66 -29.07 6.69 2.17
N VAL A 67 -28.41 5.74 2.82
CA VAL A 67 -29.11 4.75 3.65
C VAL A 67 -29.77 5.28 4.94
N ALA A 68 -29.51 6.54 5.30
CA ALA A 68 -30.12 7.19 6.48
C ALA A 68 -31.35 8.04 6.16
N ILE A 69 -31.55 8.40 4.88
CA ILE A 69 -32.75 9.13 4.43
C ILE A 69 -33.95 8.19 4.23
N TYR A 70 -33.71 6.94 3.79
CA TYR A 70 -34.80 6.02 3.43
C TYR A 70 -34.73 4.61 4.12
N PRO A 71 -33.66 3.81 3.91
CA PRO A 71 -33.61 2.48 4.56
C PRO A 71 -33.67 2.41 6.09
N TYR A 72 -32.74 3.03 6.79
CA TYR A 72 -32.67 2.91 8.26
C TYR A 72 -33.91 3.44 9.00
N PRO A 73 -34.60 4.44 8.42
CA PRO A 73 -35.93 4.79 8.92
C PRO A 73 -36.96 3.65 8.90
N LEU A 74 -37.04 2.92 7.80
CA LEU A 74 -37.95 1.76 7.69
C LEU A 74 -37.57 0.66 8.68
N VAL A 75 -36.26 0.41 8.82
CA VAL A 75 -35.76 -0.64 9.71
C VAL A 75 -35.94 -0.28 11.18
N LEU A 76 -35.79 1.01 11.52
CA LEU A 76 -36.00 1.48 12.90
C LEU A 76 -37.45 1.30 13.32
N MET A 77 -38.38 1.62 12.43
CA MET A 77 -39.81 1.43 12.67
C MET A 77 -40.16 -0.06 12.75
N SER A 78 -39.52 -0.87 11.89
CA SER A 78 -39.70 -2.32 11.89
C SER A 78 -39.12 -3.07 13.11
N ILE A 79 -38.34 -2.39 13.95
CA ILE A 79 -37.93 -2.94 15.26
C ILE A 79 -39.10 -2.83 16.26
N PHE A 80 -39.68 -1.64 16.35
CA PHE A 80 -40.81 -1.39 17.24
C PHE A 80 -42.09 -2.13 16.79
N ASN A 81 -42.19 -2.47 15.49
CA ASN A 81 -43.27 -3.32 14.97
C ASN A 81 -43.02 -4.82 15.20
N ASN A 82 -41.75 -5.22 15.21
CA ASN A 82 -41.35 -6.63 15.22
C ASN A 82 -41.82 -7.33 13.94
N GLY A 83 -41.77 -6.61 12.82
CA GLY A 83 -42.33 -7.08 11.57
C GLY A 83 -42.34 -6.03 10.48
N TRP A 84 -42.41 -6.49 9.24
CA TRP A 84 -42.50 -5.62 8.07
C TRP A 84 -43.96 -5.22 7.83
N ASN A 85 -44.24 -3.92 7.98
CA ASN A 85 -45.60 -3.38 7.82
C ASN A 85 -45.74 -2.45 6.59
N PHE A 86 -44.80 -2.58 5.64
CA PHE A 86 -44.81 -1.79 4.42
C PHE A 86 -44.94 -2.76 3.25
N GLY A 87 -45.00 -2.21 2.04
CA GLY A 87 -45.21 -3.03 0.84
C GLY A 87 -44.03 -3.93 0.55
N TYR A 88 -44.18 -4.83 -0.41
CA TYR A 88 -43.04 -5.61 -0.92
C TYR A 88 -42.08 -4.69 -1.72
N LEU A 89 -42.60 -3.64 -2.36
CA LEU A 89 -41.77 -2.66 -3.07
C LEU A 89 -40.86 -1.92 -2.10
N HIS A 90 -41.43 -1.44 -0.99
CA HIS A 90 -40.65 -0.86 0.10
C HIS A 90 -39.53 -1.79 0.58
N CYS A 91 -39.85 -3.08 0.72
CA CYS A 91 -38.84 -4.08 1.10
C CYS A 91 -37.80 -4.28 0.00
N GLN A 92 -38.29 -4.42 -1.24
CA GLN A 92 -37.44 -4.67 -2.40
C GLN A 92 -36.54 -3.45 -2.73
N VAL A 93 -37.04 -2.23 -2.47
CA VAL A 93 -36.33 -0.98 -2.76
C VAL A 93 -35.42 -0.55 -1.60
N SER A 94 -35.87 -0.67 -0.35
CA SER A 94 -35.01 -0.35 0.80
C SER A 94 -33.80 -1.27 0.84
N ALA A 95 -34.01 -2.55 0.51
CA ALA A 95 -32.91 -3.51 0.36
C ALA A 95 -31.93 -3.11 -0.75
N PHE A 96 -32.47 -2.65 -1.89
CA PHE A 96 -31.69 -2.26 -3.07
C PHE A 96 -30.74 -1.07 -2.88
N LEU A 97 -31.21 -0.03 -2.18
CA LEU A 97 -30.38 1.14 -1.89
C LEU A 97 -29.23 0.81 -0.94
N MET A 98 -29.52 0.02 0.10
CA MET A 98 -28.49 -0.53 1.00
C MET A 98 -27.34 -1.23 0.26
N GLY A 99 -27.68 -1.92 -0.83
CA GLY A 99 -26.69 -2.57 -1.68
C GLY A 99 -25.91 -1.60 -2.55
N LEU A 100 -26.58 -0.57 -3.08
CA LEU A 100 -25.90 0.50 -3.81
C LEU A 100 -24.91 1.23 -2.90
N SER A 101 -25.31 1.46 -1.64
CA SER A 101 -24.45 2.06 -0.63
C SER A 101 -23.22 1.18 -0.33
N VAL A 102 -23.43 0.08 0.40
CA VAL A 102 -22.32 -0.76 0.89
C VAL A 102 -21.33 -1.22 -0.21
N ILE A 103 -21.82 -1.51 -1.41
CA ILE A 103 -20.94 -1.94 -2.51
C ILE A 103 -20.18 -0.73 -3.06
N GLY A 104 -20.88 0.40 -3.23
CA GLY A 104 -20.26 1.68 -3.59
C GLY A 104 -19.25 2.22 -2.59
N SER A 105 -19.49 1.92 -1.31
CA SER A 105 -18.61 2.37 -0.24
C SER A 105 -17.26 1.65 -0.22
N ILE A 106 -17.20 0.38 -0.65
CA ILE A 106 -15.89 -0.24 -0.86
C ILE A 106 -15.22 0.30 -2.11
N TRP A 107 -15.91 0.22 -3.24
CA TRP A 107 -15.28 0.60 -4.52
C TRP A 107 -14.83 2.07 -4.59
N ASN A 108 -15.45 2.93 -3.78
CA ASN A 108 -14.91 4.27 -3.53
C ASN A 108 -13.60 4.14 -2.75
N ILE A 109 -13.66 3.46 -1.61
CA ILE A 109 -12.46 3.21 -0.77
C ILE A 109 -11.32 2.52 -1.54
N THR A 110 -11.66 1.66 -2.49
CA THR A 110 -10.66 1.04 -3.37
C THR A 110 -10.00 2.09 -4.25
N GLY A 111 -10.80 3.03 -4.76
CA GLY A 111 -10.29 4.18 -5.52
C GLY A 111 -9.34 5.09 -4.76
N ILE A 112 -9.71 5.44 -3.53
CA ILE A 112 -8.88 6.29 -2.66
C ILE A 112 -7.53 5.63 -2.41
N ALA A 113 -7.55 4.35 -2.04
CA ALA A 113 -6.32 3.56 -1.85
C ALA A 113 -5.43 3.53 -3.10
N ILE A 114 -6.05 3.47 -4.28
CA ILE A 114 -5.31 3.52 -5.56
C ILE A 114 -4.82 4.94 -5.82
N ASP A 115 -5.69 5.94 -5.65
CA ASP A 115 -5.35 7.35 -5.85
C ASP A 115 -4.08 7.76 -5.10
N ARG A 116 -4.01 7.44 -3.81
CA ARG A 116 -2.88 7.83 -2.97
C ARG A 116 -1.62 6.99 -3.20
N TYR A 117 -1.75 5.81 -3.78
CA TYR A 117 -0.58 5.07 -4.26
C TYR A 117 0.02 5.78 -5.48
N LEU A 118 -0.85 6.23 -6.41
CA LEU A 118 -0.40 6.99 -7.58
C LEU A 118 0.20 8.34 -7.20
N TYR A 119 -0.34 8.95 -6.14
CA TYR A 119 0.12 10.24 -5.63
C TYR A 119 1.57 10.20 -5.16
N ILE A 120 1.94 9.14 -4.42
CA ILE A 120 3.31 8.97 -3.94
C ILE A 120 4.24 8.66 -5.10
N CYS A 121 3.90 7.64 -5.89
CA CYS A 121 4.74 7.22 -7.03
C CYS A 121 4.99 8.35 -8.05
N HIS A 122 3.95 9.15 -8.31
CA HIS A 122 4.07 10.29 -9.23
C HIS A 122 5.00 11.35 -8.66
N SER A 123 4.75 11.75 -7.42
CA SER A 123 5.54 12.81 -6.77
C SER A 123 7.03 12.45 -6.60
N LEU A 124 7.36 11.16 -6.59
CA LEU A 124 8.75 10.71 -6.74
C LEU A 124 9.29 11.13 -8.10
N LYS A 125 8.58 10.73 -9.16
CA LYS A 125 9.06 10.94 -10.54
C LYS A 125 8.96 12.38 -11.08
N TYR A 126 8.08 13.22 -10.51
CA TYR A 126 7.83 14.58 -11.02
C TYR A 126 7.83 15.62 -9.90
N ASP A 127 8.12 16.87 -10.27
CA ASP A 127 8.16 17.99 -9.32
C ASP A 127 6.99 18.96 -9.55
N LYS A 128 5.77 18.42 -9.60
CA LYS A 128 4.54 19.21 -9.75
C LYS A 128 3.35 18.33 -9.33
N LEU A 129 2.86 18.53 -8.11
CA LEU A 129 1.93 17.61 -7.42
C LEU A 129 0.90 16.90 -8.32
N TYR A 130 0.75 15.59 -8.12
CA TYR A 130 -0.24 14.78 -8.84
C TYR A 130 -1.66 15.37 -8.69
N SER A 131 -2.32 15.61 -9.83
CA SER A 131 -3.56 16.40 -9.86
C SER A 131 -4.88 15.62 -9.67
N SER A 132 -4.83 14.28 -9.77
CA SER A 132 -6.04 13.42 -9.72
C SER A 132 -7.07 13.88 -10.77
N LYS A 133 -6.57 14.10 -11.99
CA LYS A 133 -7.30 14.83 -13.04
C LYS A 133 -8.62 14.19 -13.50
N ASN A 134 -8.72 12.85 -13.47
CA ASN A 134 -9.89 12.12 -14.00
C ASN A 134 -10.92 11.70 -12.93
N SER A 135 -10.81 12.21 -11.71
CA SER A 135 -11.50 11.63 -10.54
C SER A 135 -13.04 11.63 -10.61
N LEU A 136 -13.65 12.69 -11.15
CA LEU A 136 -15.12 12.75 -11.31
C LEU A 136 -15.60 11.78 -12.38
N CYS A 137 -14.87 11.74 -13.50
CA CYS A 137 -15.10 10.76 -14.56
C CYS A 137 -14.88 9.31 -14.09
N TYR A 138 -13.89 9.12 -13.20
CA TYR A 138 -13.57 7.79 -12.66
C TYR A 138 -14.58 7.27 -11.62
N VAL A 139 -15.25 8.19 -10.92
CA VAL A 139 -16.33 7.83 -9.99
C VAL A 139 -17.53 7.22 -10.73
N LEU A 140 -17.87 7.77 -11.90
CA LEU A 140 -19.01 7.27 -12.68
C LEU A 140 -18.82 5.84 -13.21
N LEU A 141 -17.58 5.38 -13.30
CA LEU A 141 -17.29 3.96 -13.55
C LEU A 141 -17.66 3.08 -12.36
N ILE A 142 -17.39 3.58 -11.14
CA ILE A 142 -17.69 2.84 -9.90
C ILE A 142 -19.20 2.69 -9.71
N TRP A 143 -19.95 3.78 -9.84
CA TRP A 143 -21.41 3.73 -9.67
C TRP A 143 -22.16 3.03 -10.81
N LEU A 144 -21.48 2.75 -11.92
CA LEU A 144 -21.97 1.77 -12.89
C LEU A 144 -21.62 0.36 -12.44
N LEU A 145 -20.38 0.16 -11.97
CA LEU A 145 -19.94 -1.14 -11.40
C LEU A 145 -20.78 -1.60 -10.19
N THR A 146 -21.23 -0.67 -9.36
CA THR A 146 -22.01 -1.00 -8.15
C THR A 146 -23.48 -1.21 -8.48
N LEU A 147 -23.98 -0.48 -9.47
CA LEU A 147 -25.34 -0.68 -10.00
C LEU A 147 -25.45 -1.99 -10.80
N ALA A 148 -24.39 -2.37 -11.51
CA ALA A 148 -24.38 -3.65 -12.25
C ALA A 148 -24.32 -4.88 -11.35
N ALA A 149 -23.66 -4.76 -10.19
CA ALA A 149 -23.50 -5.88 -9.26
C ALA A 149 -24.75 -6.13 -8.42
N VAL A 150 -25.39 -5.04 -7.99
CA VAL A 150 -26.58 -5.10 -7.11
C VAL A 150 -27.92 -5.35 -7.84
N LEU A 151 -28.04 -4.91 -9.10
CA LEU A 151 -29.30 -4.95 -9.85
C LEU A 151 -29.89 -6.35 -10.13
N PRO A 152 -29.05 -7.37 -10.41
CA PRO A 152 -29.57 -8.73 -10.62
C PRO A 152 -30.42 -9.32 -9.49
N ASN A 153 -30.26 -8.82 -8.26
CA ASN A 153 -30.97 -9.33 -7.08
C ASN A 153 -32.47 -9.01 -7.03
N LEU A 154 -32.94 -8.10 -7.88
CA LEU A 154 -34.37 -7.85 -8.02
C LEU A 154 -35.06 -9.04 -8.71
N ARG A 155 -34.49 -9.47 -9.84
CA ARG A 155 -35.09 -10.50 -10.68
C ARG A 155 -34.87 -11.92 -10.16
N ALA A 156 -33.68 -12.19 -9.63
CA ALA A 156 -33.36 -13.49 -9.04
C ALA A 156 -34.16 -13.74 -7.75
N GLY A 157 -34.50 -12.67 -7.05
CA GLY A 157 -35.36 -12.75 -5.87
C GLY A 157 -34.60 -13.18 -4.65
N THR A 158 -33.47 -12.53 -4.40
CA THR A 158 -32.64 -12.82 -3.22
C THR A 158 -32.72 -11.69 -2.19
N LEU A 159 -33.62 -10.73 -2.41
CA LEU A 159 -33.86 -9.64 -1.47
C LEU A 159 -35.15 -9.95 -0.74
N GLN A 160 -35.08 -10.12 0.59
CA GLN A 160 -36.27 -10.46 1.40
C GLN A 160 -36.12 -10.04 2.87
N TYR A 161 -37.27 -9.87 3.53
CA TYR A 161 -37.31 -9.48 4.94
C TYR A 161 -36.75 -10.59 5.81
N ASP A 162 -35.94 -10.20 6.80
CA ASP A 162 -35.44 -11.11 7.85
C ASP A 162 -35.94 -10.58 9.20
N PRO A 163 -36.66 -11.43 9.97
CA PRO A 163 -37.23 -11.01 11.25
C PRO A 163 -36.22 -10.81 12.39
N ARG A 164 -35.08 -11.50 12.35
CA ARG A 164 -34.06 -11.43 13.42
C ARG A 164 -33.45 -10.04 13.54
N ILE A 165 -33.17 -9.43 12.39
CA ILE A 165 -32.52 -8.11 12.30
C ILE A 165 -33.50 -6.98 11.96
N TYR A 166 -34.80 -7.31 11.90
CA TYR A 166 -35.90 -6.35 11.70
C TYR A 166 -35.79 -5.56 10.39
N SER A 167 -35.10 -6.11 9.40
CA SER A 167 -34.70 -5.38 8.19
C SER A 167 -34.93 -6.19 6.92
N CYS A 168 -35.05 -5.47 5.80
CA CYS A 168 -35.10 -6.07 4.47
C CYS A 168 -33.72 -5.98 3.85
N THR A 169 -33.19 -7.11 3.40
CA THR A 169 -31.80 -7.19 2.97
C THR A 169 -31.52 -8.36 2.02
N PHE A 170 -30.25 -8.51 1.66
CA PHE A 170 -29.77 -9.63 0.87
C PHE A 170 -29.79 -10.91 1.71
N ALA A 171 -30.67 -11.82 1.34
CA ALA A 171 -30.70 -13.13 1.97
C ALA A 171 -29.56 -13.98 1.40
N GLN A 172 -28.64 -14.37 2.29
CA GLN A 172 -27.47 -15.16 1.89
C GLN A 172 -27.86 -16.58 1.48
N SER A 173 -28.77 -17.17 2.24
CA SER A 173 -29.20 -18.55 2.05
C SER A 173 -30.05 -18.84 0.79
N VAL A 174 -30.57 -17.80 0.12
CA VAL A 174 -31.37 -17.97 -1.11
C VAL A 174 -30.57 -18.60 -2.26
N SER A 175 -29.34 -18.13 -2.45
CA SER A 175 -28.43 -18.73 -3.42
C SER A 175 -26.99 -18.52 -2.97
N SER A 176 -26.26 -19.61 -2.80
CA SER A 176 -24.84 -19.55 -2.45
C SER A 176 -23.95 -19.17 -3.65
N ALA A 177 -24.49 -19.26 -4.87
CA ALA A 177 -23.84 -18.74 -6.06
C ALA A 177 -23.66 -17.22 -5.97
N TYR A 178 -24.71 -16.52 -5.54
CA TYR A 178 -24.67 -15.06 -5.40
C TYR A 178 -23.84 -14.58 -4.20
N THR A 179 -23.89 -15.29 -3.07
CA THR A 179 -23.12 -14.88 -1.87
C THR A 179 -21.62 -14.97 -2.08
N ILE A 180 -21.15 -16.10 -2.62
CA ILE A 180 -19.72 -16.32 -2.87
C ILE A 180 -19.22 -15.30 -3.90
N ALA A 181 -20.03 -15.04 -4.92
CA ALA A 181 -19.74 -13.98 -5.90
C ALA A 181 -19.72 -12.59 -5.24
N VAL A 182 -20.66 -12.33 -4.33
CA VAL A 182 -20.65 -11.09 -3.55
C VAL A 182 -19.38 -11.00 -2.68
N VAL A 183 -19.09 -12.06 -1.94
CA VAL A 183 -17.99 -12.07 -0.97
C VAL A 183 -16.61 -11.97 -1.63
N VAL A 184 -16.37 -12.74 -2.70
CA VAL A 184 -15.07 -12.72 -3.40
C VAL A 184 -14.87 -11.38 -4.12
N PHE A 185 -15.78 -11.07 -5.03
CA PHE A 185 -15.62 -9.95 -5.95
C PHE A 185 -15.84 -8.59 -5.28
N HIS A 186 -16.63 -8.52 -4.21
CA HIS A 186 -16.94 -7.24 -3.56
C HIS A 186 -16.55 -7.21 -2.08
N PHE A 187 -15.49 -7.93 -1.73
CA PHE A 187 -14.86 -7.80 -0.42
C PHE A 187 -13.41 -8.25 -0.55
N LEU A 188 -13.21 -9.53 -0.84
CA LEU A 188 -11.85 -10.10 -0.91
C LEU A 188 -11.00 -9.49 -2.03
N VAL A 189 -11.61 -9.19 -3.18
CA VAL A 189 -10.90 -8.56 -4.30
C VAL A 189 -10.50 -7.12 -3.96
N PRO A 190 -11.45 -6.30 -3.46
CA PRO A 190 -11.06 -4.98 -2.93
C PRO A 190 -10.06 -5.01 -1.75
N MET A 191 -10.32 -5.87 -0.76
CA MET A 191 -9.45 -6.03 0.41
C MET A 191 -8.00 -6.28 0.01
N ILE A 192 -7.80 -7.14 -0.99
CA ILE A 192 -6.47 -7.42 -1.55
C ILE A 192 -5.88 -6.19 -2.25
N ILE A 193 -6.68 -5.49 -3.05
CA ILE A 193 -6.23 -4.27 -3.73
C ILE A 193 -5.80 -3.19 -2.74
N VAL A 194 -6.64 -2.94 -1.73
CA VAL A 194 -6.41 -1.87 -0.76
C VAL A 194 -5.25 -2.19 0.20
N ILE A 195 -5.09 -3.46 0.56
CA ILE A 195 -3.93 -3.89 1.37
C ILE A 195 -2.64 -3.72 0.58
N PHE A 196 -2.66 -4.15 -0.68
CA PHE A 196 -1.50 -4.01 -1.57
C PHE A 196 -1.08 -2.56 -1.75
N CYS A 197 -2.05 -1.70 -2.05
CA CYS A 197 -1.80 -0.27 -2.20
C CYS A 197 -1.14 0.32 -0.96
N TYR A 198 -1.86 0.27 0.17
CA TYR A 198 -1.36 0.87 1.42
C TYR A 198 -0.07 0.22 1.95
N LEU A 199 0.17 -1.04 1.61
CA LEU A 199 1.43 -1.70 1.99
C LEU A 199 2.62 -1.13 1.22
N ARG A 200 2.46 -0.98 -0.10
CA ARG A 200 3.49 -0.37 -0.96
C ARG A 200 3.72 1.11 -0.67
N ILE A 201 2.69 1.81 -0.21
CA ILE A 201 2.83 3.19 0.27
C ILE A 201 3.70 3.21 1.53
N TRP A 202 3.42 2.31 2.48
CA TRP A 202 4.18 2.25 3.73
C TRP A 202 5.67 1.96 3.52
N ILE A 203 5.99 1.12 2.53
CA ILE A 203 7.39 0.85 2.18
C ILE A 203 8.06 2.15 1.72
N LEU A 204 7.43 2.88 0.79
CA LEU A 204 8.03 4.09 0.26
C LEU A 204 8.20 5.16 1.34
N VAL A 205 7.19 5.38 2.17
CA VAL A 205 7.31 6.36 3.27
C VAL A 205 8.39 5.96 4.27
N LEU A 206 8.63 4.66 4.46
CA LEU A 206 9.77 4.21 5.27
C LEU A 206 11.10 4.43 4.56
N GLN A 207 11.17 4.08 3.28
CA GLN A 207 12.38 4.34 2.48
C GLN A 207 12.77 5.82 2.50
N VAL A 208 11.76 6.69 2.50
CA VAL A 208 11.95 8.12 2.68
C VAL A 208 12.51 8.41 4.07
N ARG A 209 11.86 7.89 5.11
CA ARG A 209 12.26 8.12 6.51
C ARG A 209 13.73 7.78 6.78
N GLY A 210 14.19 6.65 6.26
CA GLY A 210 15.51 6.12 6.57
C GLY A 210 16.52 6.22 5.45
N ILE A 211 16.80 7.45 5.00
CA ILE A 211 17.89 7.71 4.05
C ILE A 211 18.59 9.00 4.49
N ASP A 212 19.69 8.87 5.22
CA ASP A 212 20.42 10.03 5.74
C ASP A 212 21.19 10.70 4.59
N YCM A 213 20.55 11.69 3.96
CA YCM A 213 21.16 12.40 2.81
CB YCM A 213 20.16 13.24 1.99
SG YCM A 213 19.63 12.44 0.46
CD YCM A 213 21.20 11.91 -0.27
CE YCM A 213 21.29 12.14 -1.76
OZ1 YCM A 213 20.32 12.57 -2.40
NZ2 YCM A 213 22.46 11.88 -2.31
C YCM A 213 22.47 13.20 3.10
O YCM A 213 23.34 13.29 2.23
N SER A 214 22.59 13.77 4.31
CA SER A 214 23.81 14.51 4.75
C SER A 214 24.97 13.54 5.00
N PHE A 215 24.68 12.31 5.42
CA PHE A 215 25.70 11.25 5.48
C PHE A 215 26.03 10.64 4.12
N TRP A 216 25.04 10.03 3.47
CA TRP A 216 25.29 9.34 2.19
C TRP A 216 25.29 10.42 1.09
N ASN A 217 26.43 11.11 1.01
CA ASN A 217 26.60 12.30 0.17
C ASN A 217 27.97 12.23 -0.49
N GLU A 218 28.07 12.75 -1.71
CA GLU A 218 29.30 12.72 -2.50
C GLU A 218 30.31 13.78 -2.02
N SER A 219 29.81 14.87 -1.43
CA SER A 219 30.64 15.93 -0.83
C SER A 219 31.77 15.41 0.05
N TYR A 220 31.45 14.43 0.90
CA TYR A 220 32.43 13.91 1.88
C TYR A 220 33.61 13.17 1.22
N LEU A 221 33.45 12.73 -0.03
CA LEU A 221 34.55 12.12 -0.80
C LEU A 221 35.48 13.20 -1.35
N THR A 222 36.70 12.80 -1.74
CA THR A 222 37.78 13.73 -2.09
C THR A 222 38.00 13.98 -3.59
N GLY A 223 38.69 13.07 -4.27
CA GLY A 223 39.21 13.32 -5.63
C GLY A 223 38.20 13.03 -6.73
N SER A 224 38.70 12.50 -7.84
CA SER A 224 37.86 11.90 -8.89
C SER A 224 37.55 10.45 -8.51
N ARG A 225 36.62 9.84 -9.24
CA ARG A 225 36.20 8.47 -8.94
C ARG A 225 37.29 7.46 -9.30
N ASP A 226 37.81 7.57 -10.53
CA ASP A 226 38.83 6.64 -11.03
C ASP A 226 40.04 6.56 -10.11
N GLU A 227 40.45 7.71 -9.59
CA GLU A 227 41.57 7.80 -8.66
C GLU A 227 41.24 7.13 -7.33
N ARG A 228 40.05 7.40 -6.80
CA ARG A 228 39.60 6.76 -5.54
C ARG A 228 39.45 5.24 -5.68
N LYS A 229 39.08 4.78 -6.88
CA LYS A 229 38.97 3.34 -7.15
C LYS A 229 40.35 2.70 -7.25
N LYS A 230 41.24 3.31 -8.04
CA LYS A 230 42.63 2.85 -8.17
C LYS A 230 43.33 2.79 -6.81
N SER A 231 42.98 3.73 -5.93
CA SER A 231 43.42 3.73 -4.53
C SER A 231 42.86 2.52 -3.75
N LEU A 232 41.54 2.32 -3.81
CA LEU A 232 40.88 1.24 -3.08
C LEU A 232 41.40 -0.13 -3.51
N LEU A 233 41.50 -0.32 -4.83
CA LEU A 233 42.00 -1.59 -5.40
C LEU A 233 43.48 -1.81 -5.12
N SER A 234 44.27 -0.74 -5.18
CA SER A 234 45.67 -0.79 -4.77
C SER A 234 45.82 -1.07 -3.27
N LYS A 235 44.88 -0.55 -2.47
CA LYS A 235 44.83 -0.82 -1.03
C LYS A 235 44.59 -2.30 -0.68
N PHE A 236 43.89 -3.03 -1.55
CA PHE A 236 43.64 -4.48 -1.37
C PHE A 236 44.64 -5.38 -2.10
N GLY A 237 45.39 -4.82 -3.04
CA GLY A 237 46.44 -5.54 -3.75
C GLY A 237 45.89 -6.21 -4.98
N MET A 238 45.26 -5.41 -5.85
CA MET A 238 44.82 -5.86 -7.16
C MET A 238 44.70 -4.68 -8.12
N ASP A 239 44.77 -4.98 -9.41
CA ASP A 239 44.99 -3.96 -10.45
C ASP A 239 43.71 -3.18 -10.75
N GLU A 240 43.78 -2.26 -11.70
CA GLU A 240 42.59 -1.56 -12.21
C GLU A 240 41.66 -2.56 -12.90
N GLY A 241 40.36 -2.29 -12.79
CA GLY A 241 39.35 -3.16 -13.38
C GLY A 241 37.94 -2.78 -12.95
N VAL A 242 36.95 -3.33 -13.64
CA VAL A 242 35.55 -3.09 -13.27
C VAL A 242 35.33 -3.78 -11.93
N THR A 243 34.87 -3.01 -10.95
CA THR A 243 34.81 -3.48 -9.57
C THR A 243 33.36 -3.75 -9.15
N PHE A 244 33.17 -4.84 -8.41
CA PHE A 244 31.88 -5.26 -7.90
C PHE A 244 31.97 -5.46 -6.41
N MET A 245 30.86 -5.21 -5.72
CA MET A 245 30.85 -5.18 -4.27
C MET A 245 29.56 -5.77 -3.69
N PHE A 246 29.72 -6.79 -2.84
CA PHE A 246 28.63 -7.31 -2.02
C PHE A 246 28.92 -7.00 -0.56
N ILE A 247 27.90 -6.51 0.14
CA ILE A 247 28.02 -6.14 1.54
C ILE A 247 26.69 -6.49 2.24
N GLY A 248 26.65 -7.72 2.75
CA GLY A 248 25.51 -8.21 3.52
C GLY A 248 25.89 -9.47 4.25
N ARG A 249 25.26 -9.72 5.40
CA ARG A 249 25.54 -10.92 6.20
C ARG A 249 25.45 -12.21 5.38
N PHE A 250 26.27 -13.20 5.75
CA PHE A 250 26.45 -14.42 4.96
C PHE A 250 25.41 -15.46 5.36
N ASP A 251 24.67 -15.98 4.39
CA ASP A 251 23.60 -16.94 4.67
C ASP A 251 23.18 -17.75 3.44
N ARG A 252 22.71 -18.97 3.70
CA ARG A 252 22.32 -19.90 2.63
C ARG A 252 21.01 -19.51 1.92
N GLY A 253 20.21 -18.61 2.52
CA GLY A 253 19.01 -18.13 1.85
C GLY A 253 18.32 -16.95 2.51
N GLN A 254 18.92 -15.77 2.40
CA GLN A 254 18.27 -14.50 2.78
C GLN A 254 18.81 -13.34 1.92
N LYS A 255 20.08 -12.98 2.14
CA LYS A 255 20.74 -11.85 1.46
C LYS A 255 21.55 -12.26 0.21
N GLY A 256 21.83 -13.56 0.08
CA GLY A 256 22.18 -14.16 -1.21
C GLY A 256 23.64 -14.24 -1.60
N VAL A 257 24.54 -14.22 -0.62
CA VAL A 257 25.97 -14.42 -0.88
C VAL A 257 26.24 -15.74 -1.61
N ASP A 258 25.45 -16.77 -1.28
CA ASP A 258 25.50 -18.07 -1.95
C ASP A 258 25.26 -18.02 -3.48
N VAL A 259 24.37 -17.13 -3.93
CA VAL A 259 24.07 -16.99 -5.36
C VAL A 259 25.24 -16.31 -6.06
N LEU A 260 25.82 -15.30 -5.39
CA LEU A 260 27.00 -14.60 -5.88
C LEU A 260 28.19 -15.53 -6.07
N LEU A 261 28.46 -16.37 -5.08
CA LEU A 261 29.62 -17.27 -5.12
C LEU A 261 29.51 -18.34 -6.21
N LYS A 262 28.30 -18.85 -6.44
CA LYS A 262 28.04 -19.74 -7.58
C LYS A 262 28.28 -19.01 -8.89
N ALA A 263 27.87 -17.74 -8.94
CA ALA A 263 28.04 -16.89 -10.13
C ALA A 263 29.51 -16.59 -10.43
N ILE A 264 30.32 -16.36 -9.40
CA ILE A 264 31.76 -16.09 -9.59
C ILE A 264 32.47 -17.33 -10.16
N GLU A 265 32.09 -18.52 -9.68
CA GLU A 265 32.64 -19.77 -10.23
C GLU A 265 32.25 -19.99 -11.70
N ILE A 266 31.00 -19.66 -12.02
CA ILE A 266 30.52 -19.70 -13.41
C ILE A 266 31.33 -18.74 -14.29
N LEU A 267 31.61 -17.54 -13.77
CA LEU A 267 32.43 -16.56 -14.48
C LEU A 267 33.91 -16.93 -14.57
N SER A 268 34.47 -17.50 -13.50
CA SER A 268 35.93 -17.75 -13.39
C SER A 268 36.59 -18.42 -14.60
N SER A 269 35.85 -19.31 -15.28
CA SER A 269 36.33 -19.98 -16.50
C SER A 269 36.33 -19.09 -17.74
N LYS A 270 35.37 -18.16 -17.84
CA LYS A 270 35.27 -17.25 -19.00
C LYS A 270 36.47 -16.28 -19.09
N LYS A 271 36.82 -15.92 -20.32
CA LYS A 271 37.91 -14.99 -20.60
C LYS A 271 37.68 -13.61 -19.99
N GLU A 272 36.42 -13.19 -19.93
CA GLU A 272 36.03 -11.87 -19.42
C GLU A 272 36.23 -11.69 -17.91
N PHE A 273 36.43 -12.80 -17.17
CA PHE A 273 36.73 -12.76 -15.74
C PHE A 273 37.98 -11.97 -15.41
N GLN A 274 39.01 -12.12 -16.25
CA GLN A 274 40.28 -11.38 -16.09
C GLN A 274 40.09 -9.88 -15.93
N GLU A 275 39.07 -9.31 -16.59
CA GLU A 275 38.75 -7.88 -16.50
C GLU A 275 37.81 -7.48 -15.34
N MET A 276 37.61 -8.37 -14.36
CA MET A 276 36.70 -8.12 -13.21
C MET A 276 37.43 -8.12 -11.87
N ARG A 277 36.88 -7.38 -10.90
CA ARG A 277 37.39 -7.33 -9.52
C ARG A 277 36.18 -7.45 -8.56
N PHE A 278 36.28 -8.31 -7.55
CA PHE A 278 35.17 -8.53 -6.62
C PHE A 278 35.59 -8.24 -5.18
N ILE A 279 34.79 -7.44 -4.48
CA ILE A 279 35.05 -7.03 -3.10
C ILE A 279 33.88 -7.47 -2.22
N ILE A 280 33.98 -8.68 -1.67
CA ILE A 280 32.91 -9.28 -0.87
C ILE A 280 33.11 -8.93 0.59
N ILE A 281 32.05 -8.45 1.25
CA ILE A 281 32.10 -8.03 2.65
C ILE A 281 30.94 -8.68 3.42
N GLY A 282 31.23 -9.23 4.59
CA GLY A 282 30.21 -9.78 5.48
C GLY A 282 30.66 -10.93 6.36
N LYS A 283 29.82 -11.30 7.31
CA LYS A 283 30.10 -12.41 8.23
C LYS A 283 28.81 -13.17 8.54
N GLY A 284 28.91 -14.48 8.66
CA GLY A 284 27.74 -15.31 8.98
C GLY A 284 28.05 -16.80 8.97
N ASP A 285 27.56 -17.50 7.93
CA ASP A 285 27.79 -18.94 7.79
C ASP A 285 29.30 -19.18 7.55
N PRO A 286 29.98 -19.85 8.49
CA PRO A 286 31.42 -20.05 8.35
C PRO A 286 31.83 -20.96 7.19
N GLU A 287 30.90 -21.79 6.71
CA GLU A 287 31.12 -22.60 5.50
C GLU A 287 31.09 -21.73 4.23
N LEU A 288 30.17 -20.76 4.18
CA LEU A 288 30.15 -19.78 3.10
C LEU A 288 31.34 -18.80 3.18
N GLU A 289 31.84 -18.56 4.39
CA GLU A 289 33.10 -17.82 4.57
C GLU A 289 34.30 -18.64 4.08
N GLY A 290 34.26 -19.95 4.31
CA GLY A 290 35.25 -20.87 3.76
C GLY A 290 35.18 -21.01 2.24
N TRP A 291 33.97 -20.94 1.69
CA TRP A 291 33.74 -20.95 0.24
C TRP A 291 34.22 -19.64 -0.41
N ALA A 292 33.97 -18.51 0.24
CA ALA A 292 34.45 -17.20 -0.22
C ALA A 292 35.97 -17.09 -0.09
N ARG A 293 36.51 -17.47 1.08
CA ARG A 293 37.96 -17.47 1.30
C ARG A 293 38.71 -18.39 0.33
N SER A 294 38.06 -19.47 -0.10
CA SER A 294 38.60 -20.34 -1.16
C SER A 294 38.78 -19.60 -2.48
N LEU A 295 37.73 -18.88 -2.90
CA LEU A 295 37.77 -18.07 -4.13
C LEU A 295 38.76 -16.88 -4.04
N GLU A 296 39.05 -16.44 -2.82
CA GLU A 296 40.10 -15.46 -2.57
C GLU A 296 41.48 -16.07 -2.85
N GLU A 297 41.72 -17.27 -2.34
CA GLU A 297 42.99 -17.97 -2.53
C GLU A 297 43.22 -18.40 -3.98
N LYS A 298 42.16 -18.82 -4.67
CA LYS A 298 42.26 -19.28 -6.06
C LYS A 298 42.46 -18.15 -7.06
N HIS A 299 41.77 -17.01 -6.85
CA HIS A 299 41.89 -15.84 -7.74
C HIS A 299 42.20 -14.58 -6.95
N GLY A 300 43.24 -13.86 -7.38
CA GLY A 300 43.65 -12.62 -6.73
C GLY A 300 42.75 -11.41 -6.97
N ASN A 301 41.89 -11.50 -7.99
CA ASN A 301 40.90 -10.44 -8.26
C ASN A 301 39.64 -10.47 -7.36
N VAL A 302 39.51 -11.51 -6.53
CA VAL A 302 38.43 -11.61 -5.55
C VAL A 302 38.98 -11.42 -4.14
N LYS A 303 38.56 -10.36 -3.45
CA LYS A 303 38.93 -10.12 -2.05
C LYS A 303 37.71 -10.27 -1.15
N VAL A 304 37.94 -10.73 0.08
CA VAL A 304 36.87 -11.09 1.02
C VAL A 304 37.16 -10.45 2.37
N ILE A 305 36.22 -9.64 2.87
CA ILE A 305 36.42 -8.88 4.11
C ILE A 305 35.41 -9.35 5.16
N THR A 306 35.88 -10.17 6.10
CA THR A 306 35.00 -10.88 7.03
C THR A 306 34.73 -10.15 8.37
N GLU A 307 35.13 -8.88 8.49
CA GLU A 307 34.93 -8.11 9.73
C GLU A 307 34.17 -6.80 9.54
N MET A 308 33.79 -6.18 10.67
CA MET A 308 32.88 -5.03 10.70
C MET A 308 33.54 -3.73 10.25
N LEU A 309 33.11 -3.21 9.10
CA LEU A 309 33.57 -1.92 8.57
C LEU A 309 32.72 -0.78 9.10
N SER A 310 33.33 0.41 9.20
CA SER A 310 32.62 1.61 9.62
C SER A 310 31.78 2.16 8.47
N ARG A 311 30.61 2.70 8.78
CA ARG A 311 29.76 3.37 7.77
C ARG A 311 30.48 4.52 7.06
N GLU A 312 31.40 5.17 7.77
CA GLU A 312 32.35 6.11 7.18
C GLU A 312 33.11 5.46 6.02
N PHE A 313 33.70 4.29 6.27
CA PHE A 313 34.44 3.56 5.25
C PHE A 313 33.52 2.99 4.16
N VAL A 314 32.38 2.43 4.56
CA VAL A 314 31.41 1.87 3.61
C VAL A 314 30.94 2.92 2.59
N ARG A 315 30.75 4.16 3.07
CA ARG A 315 30.45 5.31 2.21
C ARG A 315 31.47 5.44 1.07
N GLU A 316 32.74 5.36 1.41
CA GLU A 316 33.81 5.45 0.42
C GLU A 316 33.74 4.32 -0.61
N LEU A 317 33.52 3.09 -0.13
CA LEU A 317 33.39 1.93 -1.02
C LEU A 317 32.27 2.11 -2.03
N TYR A 318 31.12 2.60 -1.57
CA TYR A 318 30.03 2.96 -2.48
C TYR A 318 30.50 4.01 -3.48
N GLY A 319 31.17 5.04 -2.96
CA GLY A 319 31.72 6.10 -3.79
C GLY A 319 32.79 5.70 -4.80
N SER A 320 33.52 4.63 -4.50
CA SER A 320 34.70 4.23 -5.31
C SER A 320 34.40 3.18 -6.37
N VAL A 321 33.67 2.12 -5.99
CA VAL A 321 33.40 0.98 -6.89
C VAL A 321 32.52 1.35 -8.09
N ASP A 322 32.40 0.42 -9.03
CA ASP A 322 31.54 0.60 -10.21
C ASP A 322 30.11 0.11 -10.00
N PHE A 323 29.97 -1.10 -9.47
CA PHE A 323 28.66 -1.72 -9.20
C PHE A 323 28.56 -2.31 -7.80
N VAL A 324 27.33 -2.35 -7.30
CA VAL A 324 27.01 -2.99 -6.02
C VAL A 324 26.02 -4.12 -6.32
N ILE A 325 26.42 -5.36 -6.04
CA ILE A 325 25.57 -6.52 -6.25
C ILE A 325 24.71 -6.76 -5.00
N ILE A 326 23.40 -6.84 -5.20
CA ILE A 326 22.43 -7.11 -4.13
C ILE A 326 21.57 -8.29 -4.57
N PRO A 327 22.08 -9.53 -4.41
CA PRO A 327 21.41 -10.72 -4.91
C PRO A 327 20.44 -11.36 -3.89
N SER A 328 19.70 -10.51 -3.16
CA SER A 328 18.88 -10.95 -2.02
C SER A 328 17.64 -11.71 -2.48
N TYR A 329 17.32 -12.78 -1.75
CA TYR A 329 16.09 -13.55 -1.99
C TYR A 329 14.88 -12.71 -1.57
N PHE A 330 14.85 -12.33 -0.29
CA PHE A 330 13.88 -11.39 0.24
C PHE A 330 14.64 -10.17 0.77
N GLU A 331 14.05 -8.99 0.61
CA GLU A 331 14.70 -7.72 0.99
C GLU A 331 13.63 -6.63 1.03
N PRO A 332 12.89 -6.51 2.16
CA PRO A 332 11.63 -5.75 2.23
C PRO A 332 11.75 -4.25 1.95
N PHE A 333 12.81 -3.62 2.47
CA PHE A 333 13.01 -2.17 2.32
C PHE A 333 14.14 -1.86 1.35
N GLY A 334 15.30 -2.45 1.58
CA GLY A 334 16.42 -2.36 0.65
C GLY A 334 16.98 -0.95 0.51
N LEU A 335 17.38 -0.37 1.64
CA LEU A 335 18.10 0.90 1.66
C LEU A 335 19.49 0.73 1.05
N VAL A 336 20.13 -0.40 1.36
CA VAL A 336 21.42 -0.78 0.78
C VAL A 336 21.57 -0.45 -0.71
N ALA A 337 20.50 -0.59 -1.47
CA ALA A 337 20.48 -0.18 -2.88
C ALA A 337 20.44 1.35 -3.03
N LEU A 338 19.55 1.97 -2.26
CA LEU A 338 19.33 3.41 -2.32
C LEU A 338 20.51 4.22 -1.79
N GLU A 339 21.03 3.82 -0.63
CA GLU A 339 22.25 4.40 -0.05
C GLU A 339 23.42 4.38 -1.02
N ALA A 340 23.58 3.25 -1.71
CA ALA A 340 24.66 3.10 -2.69
C ALA A 340 24.47 4.00 -3.92
N MET A 341 23.22 4.16 -4.36
CA MET A 341 22.91 5.02 -5.50
C MET A 341 23.22 6.49 -5.21
N CYS A 342 23.12 6.90 -3.95
CA CYS A 342 23.48 8.26 -3.53
C CYS A 342 24.91 8.65 -3.95
N LEU A 343 25.82 7.68 -3.86
CA LEU A 343 27.22 7.90 -4.21
C LEU A 343 27.63 7.23 -5.53
N GLY A 344 26.69 7.21 -6.49
CA GLY A 344 26.97 6.75 -7.85
C GLY A 344 27.18 5.26 -8.09
N ALA A 345 27.04 4.44 -7.05
CA ALA A 345 27.16 2.99 -7.21
C ALA A 345 25.91 2.50 -7.95
N ILE A 346 26.12 1.78 -9.05
CA ILE A 346 25.04 1.30 -9.90
C ILE A 346 24.66 -0.09 -9.40
N PRO A 347 23.42 -0.28 -8.91
CA PRO A 347 23.08 -1.58 -8.34
C PRO A 347 22.73 -2.61 -9.42
N ILE A 348 23.29 -3.81 -9.27
CA ILE A 348 22.78 -5.00 -9.94
C ILE A 348 22.07 -5.75 -8.83
N ALA A 349 20.75 -5.86 -8.91
CA ALA A 349 19.97 -6.37 -7.78
C ALA A 349 18.72 -7.09 -8.23
N SER A 350 18.43 -8.20 -7.56
CA SER A 350 17.32 -9.06 -7.93
C SER A 350 15.98 -8.36 -7.68
N ALA A 351 15.02 -8.66 -8.55
CA ALA A 351 13.67 -8.08 -8.45
C ALA A 351 12.96 -8.59 -7.21
N VAL A 352 12.71 -7.67 -6.28
CA VAL A 352 12.14 -7.98 -4.97
C VAL A 352 11.35 -6.73 -4.54
N GLY A 353 10.35 -6.92 -3.67
CA GLY A 353 9.62 -5.79 -3.08
C GLY A 353 10.56 -4.90 -2.27
N GLY A 354 10.59 -3.62 -2.62
CA GLY A 354 11.61 -2.69 -2.12
C GLY A 354 12.53 -2.30 -3.26
N LEU A 355 13.24 -3.29 -3.80
CA LEU A 355 14.18 -3.08 -4.92
C LEU A 355 13.44 -2.80 -6.24
N ARG A 356 12.30 -3.46 -6.45
CA ARG A 356 11.44 -3.19 -7.61
C ARG A 356 10.82 -1.79 -7.52
N ASP A 357 10.51 -1.34 -6.31
CA ASP A 357 10.07 0.05 -6.08
C ASP A 357 11.22 1.02 -6.36
N ILE A 358 12.38 0.80 -5.75
CA ILE A 358 13.53 1.72 -5.86
C ILE A 358 14.16 1.73 -7.26
N ILE A 359 14.77 0.62 -7.64
CA ILE A 359 15.55 0.54 -8.87
C ILE A 359 14.63 0.58 -10.08
N THR A 360 14.75 1.64 -10.90
CA THR A 360 14.08 1.69 -12.20
C THR A 360 14.97 0.97 -13.20
N ASN A 361 14.44 0.72 -14.39
CA ASN A 361 15.23 0.07 -15.46
C ASN A 361 16.27 1.02 -16.10
N GLU A 362 16.09 2.34 -15.92
CA GLU A 362 17.10 3.32 -16.34
C GLU A 362 18.25 3.48 -15.33
N THR A 363 17.98 3.35 -14.03
CA THR A 363 19.02 3.59 -13.00
C THR A 363 20.00 2.41 -12.88
N GLY A 364 19.47 1.20 -12.72
CA GLY A 364 20.29 -0.01 -12.53
C GLY A 364 19.77 -1.25 -13.24
N ILE A 365 20.45 -2.37 -13.01
CA ILE A 365 20.13 -3.65 -13.64
C ILE A 365 19.30 -4.54 -12.70
N LEU A 366 18.32 -5.23 -13.26
CA LEU A 366 17.46 -6.14 -12.51
C LEU A 366 17.69 -7.60 -12.92
N VAL A 367 17.58 -8.51 -11.95
CA VAL A 367 17.89 -9.93 -12.14
C VAL A 367 16.74 -10.78 -11.57
N LYS A 368 16.57 -11.98 -12.13
CA LYS A 368 15.69 -12.99 -11.54
C LYS A 368 16.36 -13.55 -10.28
N ALA A 369 15.71 -13.37 -9.13
CA ALA A 369 16.29 -13.73 -7.83
C ALA A 369 16.66 -15.21 -7.72
N GLY A 370 17.74 -15.50 -6.99
CA GLY A 370 18.16 -16.87 -6.69
C GLY A 370 18.69 -17.65 -7.87
N ASP A 371 19.39 -16.97 -8.78
CA ASP A 371 19.91 -17.60 -10.02
C ASP A 371 21.36 -17.17 -10.29
N PRO A 372 22.33 -18.10 -10.14
CA PRO A 372 23.75 -17.83 -10.48
C PRO A 372 24.02 -17.44 -11.94
N GLY A 373 23.31 -18.08 -12.88
CA GLY A 373 23.50 -17.84 -14.30
C GLY A 373 23.01 -16.48 -14.76
N GLU A 374 21.81 -16.11 -14.31
CA GLU A 374 21.21 -14.83 -14.65
C GLU A 374 21.96 -13.66 -14.01
N LEU A 375 22.50 -13.88 -12.81
CA LEU A 375 23.38 -12.93 -12.13
C LEU A 375 24.73 -12.80 -12.84
N ALA A 376 25.29 -13.93 -13.27
CA ALA A 376 26.55 -13.95 -14.03
C ALA A 376 26.40 -13.21 -15.37
N ASN A 377 25.31 -13.49 -16.08
CA ASN A 377 25.02 -12.81 -17.35
C ASN A 377 24.66 -11.34 -17.17
N ALA A 378 24.18 -10.97 -15.98
CA ALA A 378 24.02 -9.56 -15.61
C ALA A 378 25.37 -8.90 -15.40
N ILE A 379 26.24 -9.56 -14.63
CA ILE A 379 27.63 -9.10 -14.41
C ILE A 379 28.40 -8.99 -15.75
N LEU A 380 28.12 -9.91 -16.67
CA LEU A 380 28.67 -9.83 -18.04
C LEU A 380 28.06 -8.64 -18.81
N LYS A 381 26.74 -8.46 -18.72
CA LYS A 381 26.06 -7.31 -19.34
C LYS A 381 26.56 -5.98 -18.74
N ALA A 382 26.78 -5.98 -17.43
CA ALA A 382 27.33 -4.83 -16.71
C ALA A 382 28.75 -4.52 -17.15
N LEU A 383 29.54 -5.56 -17.37
CA LEU A 383 30.93 -5.40 -17.80
C LEU A 383 31.03 -4.74 -19.17
N GLU A 384 30.20 -5.17 -20.14
CA GLU A 384 30.21 -4.61 -21.50
C GLU A 384 29.58 -3.22 -21.52
N LEU A 385 30.31 -2.24 -20.97
CA LEU A 385 29.82 -0.88 -20.78
C LEU A 385 31.02 0.09 -20.63
N SER A 386 31.17 0.99 -21.61
CA SER A 386 32.32 1.93 -21.67
C SER A 386 32.20 3.08 -20.67
N ARG A 387 33.35 3.69 -20.35
CA ARG A 387 33.45 4.77 -19.35
C ARG A 387 32.44 5.92 -19.56
N SER A 388 32.24 6.31 -20.81
CA SER A 388 31.25 7.34 -21.18
C SER A 388 29.82 6.90 -20.87
N ASP A 389 29.51 5.63 -21.14
CA ASP A 389 28.17 5.06 -20.92
C ASP A 389 27.75 5.03 -19.44
N LEU A 390 28.69 4.75 -18.54
CA LEU A 390 28.41 4.70 -17.10
C LEU A 390 28.10 6.06 -16.47
N SER A 391 28.64 7.14 -17.03
CA SER A 391 28.46 8.48 -16.45
C SER A 391 26.98 8.85 -16.26
N LYS A 392 26.16 8.55 -17.26
CA LYS A 392 24.72 8.84 -17.19
C LYS A 392 23.98 7.92 -16.23
N PHE A 393 24.38 6.65 -16.17
CA PHE A 393 23.83 5.69 -15.21
C PHE A 393 24.00 6.18 -13.76
N ARG A 394 25.19 6.64 -13.43
CA ARG A 394 25.50 7.16 -12.10
C ARG A 394 24.73 8.43 -11.82
N GLU A 395 24.54 9.25 -12.85
CA GLU A 395 23.72 10.46 -12.75
C GLU A 395 22.27 10.11 -12.42
N ASN A 396 21.72 9.16 -13.19
CA ASN A 396 20.35 8.65 -12.97
C ASN A 396 20.18 8.04 -11.56
N CYS A 397 21.15 7.24 -11.13
CA CYS A 397 21.17 6.71 -9.76
C CYS A 397 21.09 7.82 -8.72
N LYS A 398 21.87 8.89 -8.93
CA LYS A 398 21.92 10.02 -8.00
C LYS A 398 20.61 10.82 -7.99
N LYS A 399 20.07 11.09 -9.18
CA LYS A 399 18.78 11.78 -9.30
C LYS A 399 17.66 10.98 -8.66
N ARG A 400 17.75 9.65 -8.75
CA ARG A 400 16.74 8.73 -8.20
C ARG A 400 16.74 8.69 -6.67
N ALA A 401 17.92 8.67 -6.07
CA ALA A 401 18.04 8.70 -4.61
C ALA A 401 17.69 10.07 -4.03
N MET A 402 17.92 11.11 -4.83
CA MET A 402 17.62 12.49 -4.43
C MET A 402 16.11 12.74 -4.34
N SER A 403 15.32 12.00 -5.13
CA SER A 403 13.85 12.12 -5.10
C SER A 403 13.19 11.51 -3.84
N PHE A 404 13.85 10.54 -3.22
CA PHE A 404 13.38 10.00 -1.94
C PHE A 404 13.54 11.00 -0.78
N SER A 405 14.62 11.76 -0.76
CA SER A 405 14.81 12.82 0.26
C SER A 405 13.97 14.08 0.03
N LYS A 406 13.50 14.29 -1.20
CA LYS A 406 12.57 15.38 -1.52
C LYS A 406 11.25 15.28 -0.74
N LEU A 407 10.84 14.06 -0.43
CA LEU A 407 9.59 13.80 0.31
C LEU A 407 9.71 13.76 1.84
N LYS A 408 10.91 13.99 2.40
CA LYS A 408 11.13 13.82 3.86
C LYS A 408 10.26 14.69 4.79
N PRO A 409 10.05 15.98 4.46
CA PRO A 409 9.33 16.85 5.40
C PRO A 409 7.81 16.89 5.19
N GLN A 410 7.27 16.05 4.31
CA GLN A 410 5.86 16.12 3.92
C GLN A 410 4.97 15.68 5.07
N ASP A 411 3.73 16.19 5.08
CA ASP A 411 2.70 15.75 6.00
C ASP A 411 2.12 14.44 5.46
N PHE A 412 2.31 13.35 6.20
CA PHE A 412 1.80 12.03 5.82
C PHE A 412 0.53 11.61 6.57
N ARG A 413 -0.11 12.54 7.30
CA ARG A 413 -1.26 12.20 8.15
C ARG A 413 -2.54 11.85 7.38
N ASN A 414 -2.70 12.38 6.17
CA ASN A 414 -3.86 12.05 5.33
C ASN A 414 -3.87 10.57 4.90
N PHE A 415 -2.69 9.98 4.73
CA PHE A 415 -2.58 8.55 4.44
C PHE A 415 -3.10 7.71 5.60
N VAL A 416 -2.83 8.18 6.83
CA VAL A 416 -3.35 7.50 8.03
C VAL A 416 -4.87 7.65 8.12
N THR A 417 -5.39 8.85 7.83
CA THR A 417 -6.84 9.09 7.91
C THR A 417 -7.60 8.21 6.94
N MET A 418 -7.13 8.11 5.69
CA MET A 418 -7.75 7.24 4.68
C MET A 418 -7.54 5.74 4.93
N PHE A 419 -6.40 5.37 5.51
CA PHE A 419 -6.15 4.00 5.94
C PHE A 419 -7.04 3.60 7.12
N VAL A 420 -7.22 4.51 8.09
CA VAL A 420 -8.09 4.25 9.26
C VAL A 420 -9.57 4.14 8.85
N VAL A 421 -9.97 4.89 7.81
CA VAL A 421 -11.28 4.71 7.17
C VAL A 421 -11.42 3.26 6.69
N PHE A 422 -10.43 2.79 5.94
CA PHE A 422 -10.41 1.43 5.40
C PHE A 422 -10.39 0.34 6.48
N VAL A 423 -9.56 0.52 7.51
CA VAL A 423 -9.45 -0.47 8.60
C VAL A 423 -10.78 -0.67 9.33
N LEU A 424 -11.43 0.44 9.69
CA LEU A 424 -12.73 0.39 10.36
C LEU A 424 -13.86 -0.12 9.46
N PHE A 425 -13.77 0.09 8.15
CA PHE A 425 -14.68 -0.54 7.22
C PHE A 425 -14.56 -2.05 7.29
N ALA A 426 -13.34 -2.55 7.08
CA ALA A 426 -13.08 -3.99 7.07
C ALA A 426 -13.57 -4.67 8.35
N ILE A 427 -13.30 -4.05 9.50
CA ILE A 427 -13.78 -4.56 10.81
C ILE A 427 -15.30 -4.77 10.84
N CYS A 428 -16.05 -3.82 10.31
CA CYS A 428 -17.51 -3.87 10.34
C CYS A 428 -18.12 -4.92 9.42
N PHE A 429 -17.52 -5.12 8.25
CA PHE A 429 -18.06 -6.06 7.25
C PHE A 429 -17.35 -7.43 7.18
N ALA A 430 -16.22 -7.56 7.88
CA ALA A 430 -15.54 -8.84 8.04
C ALA A 430 -16.40 -9.96 8.62
N PRO A 431 -17.21 -9.66 9.66
CA PRO A 431 -18.10 -10.71 10.16
C PRO A 431 -19.15 -11.14 9.13
N LEU A 432 -19.87 -10.17 8.57
CA LEU A 432 -20.95 -10.43 7.62
C LEU A 432 -20.52 -11.25 6.40
N ASN A 433 -19.34 -10.96 5.86
CA ASN A 433 -18.78 -11.73 4.74
C ASN A 433 -18.26 -13.11 5.17
N PHE A 434 -17.70 -13.19 6.38
CA PHE A 434 -17.24 -14.46 6.97
C PHE A 434 -18.41 -15.41 7.20
N ILE A 435 -19.48 -14.88 7.79
CA ILE A 435 -20.75 -15.60 7.97
C ILE A 435 -21.32 -16.07 6.62
N GLY A 436 -21.35 -15.16 5.64
CA GLY A 436 -21.85 -15.45 4.29
C GLY A 436 -21.18 -16.60 3.54
N LEU A 437 -19.96 -16.95 3.94
CA LEU A 437 -19.28 -18.16 3.44
C LEU A 437 -19.74 -19.42 4.18
N ALA A 438 -19.95 -19.30 5.48
CA ALA A 438 -20.49 -20.40 6.29
C ALA A 438 -21.92 -20.75 5.86
N VAL A 439 -22.72 -19.73 5.58
CA VAL A 439 -24.08 -19.90 5.02
C VAL A 439 -24.00 -20.56 3.64
N ALA A 440 -23.06 -20.12 2.82
CA ALA A 440 -22.89 -20.62 1.45
C ALA A 440 -22.54 -22.10 1.36
N SER A 441 -21.88 -22.66 2.38
CA SER A 441 -21.48 -24.07 2.41
C SER A 441 -22.68 -25.04 2.42
N ASP A 442 -23.65 -24.73 3.26
CA ASP A 442 -24.92 -25.46 3.32
C ASP A 442 -26.01 -24.51 3.84
N PRO A 443 -26.71 -23.82 2.92
CA PRO A 443 -27.78 -22.87 3.28
C PRO A 443 -28.87 -23.42 4.21
N ALA A 444 -29.28 -24.67 3.98
CA ALA A 444 -30.27 -25.33 4.84
C ALA A 444 -29.74 -25.54 6.26
N SER A 445 -28.52 -26.07 6.36
CA SER A 445 -27.92 -26.42 7.64
C SER A 445 -27.51 -25.21 8.47
N MET A 446 -26.72 -24.33 7.86
CA MET A 446 -26.00 -23.30 8.60
C MET A 446 -26.79 -22.02 8.91
N VAL A 447 -28.02 -21.89 8.40
CA VAL A 447 -28.88 -20.76 8.78
C VAL A 447 -29.33 -20.89 10.25
N PRO A 448 -29.81 -22.09 10.68
CA PRO A 448 -30.02 -22.40 12.11
C PRO A 448 -28.76 -22.63 12.96
N ARG A 449 -27.75 -23.28 12.40
CA ARG A 449 -26.53 -23.67 13.13
C ARG A 449 -25.64 -22.50 13.56
N ILE A 450 -25.61 -21.43 12.76
CA ILE A 450 -24.84 -20.21 13.09
C ILE A 450 -25.48 -19.50 14.30
N PRO A 451 -24.65 -19.15 15.32
CA PRO A 451 -25.11 -18.41 16.51
C PRO A 451 -25.95 -17.18 16.18
N GLU A 452 -27.04 -17.01 16.92
CA GLU A 452 -28.06 -16.02 16.57
C GLU A 452 -27.66 -14.59 16.95
N TRP A 453 -26.86 -14.42 18.01
CA TRP A 453 -26.27 -13.11 18.32
C TRP A 453 -25.26 -12.67 17.25
N LEU A 454 -24.43 -13.61 16.79
CA LEU A 454 -23.38 -13.33 15.80
C LEU A 454 -23.95 -12.85 14.47
N PHE A 455 -25.12 -13.37 14.11
CA PHE A 455 -25.88 -12.89 12.95
C PHE A 455 -26.34 -11.45 13.14
N VAL A 456 -26.89 -11.16 14.32
CA VAL A 456 -27.42 -9.83 14.65
C VAL A 456 -26.30 -8.79 14.72
N ALA A 457 -25.21 -9.12 15.40
CA ALA A 457 -24.06 -8.22 15.55
C ALA A 457 -23.43 -7.89 14.21
N SER A 458 -23.15 -8.92 13.42
CA SER A 458 -22.56 -8.79 12.09
C SER A 458 -23.26 -7.76 11.21
N TYR A 459 -24.59 -7.70 11.32
CA TYR A 459 -25.40 -6.75 10.55
C TYR A 459 -25.36 -5.32 11.10
N TYR A 460 -25.51 -5.18 12.42
CA TYR A 460 -25.64 -3.84 13.03
C TYR A 460 -24.32 -3.07 13.13
N MET A 461 -23.18 -3.76 13.08
CA MET A 461 -21.89 -3.11 12.87
C MET A 461 -21.84 -2.48 11.48
N ALA A 462 -22.14 -3.29 10.47
CA ALA A 462 -22.16 -2.84 9.07
C ALA A 462 -23.04 -1.58 8.85
N TYR A 463 -24.15 -1.48 9.57
CA TYR A 463 -24.99 -0.28 9.55
C TYR A 463 -24.26 0.88 10.23
N PHE A 464 -23.79 0.64 11.44
CA PHE A 464 -23.01 1.61 12.24
C PHE A 464 -21.82 2.20 11.45
N ASN A 465 -21.26 1.42 10.53
CA ASN A 465 -20.19 1.90 9.64
C ASN A 465 -20.58 3.13 8.82
N SER A 466 -21.86 3.27 8.47
CA SER A 466 -22.34 4.44 7.73
C SER A 466 -22.30 5.76 8.50
N CYS A 467 -22.09 5.72 9.82
CA CYS A 467 -21.88 6.94 10.61
C CYS A 467 -20.43 7.20 11.02
N LEU A 468 -19.50 6.28 10.70
CA LEU A 468 -18.12 6.33 11.22
C LEU A 468 -17.16 7.26 10.45
N ASN A 469 -17.40 7.48 9.16
CA ASN A 469 -16.47 8.28 8.34
C ASN A 469 -16.28 9.74 8.82
N PRO A 470 -17.38 10.48 9.08
CA PRO A 470 -17.23 11.82 9.65
C PRO A 470 -16.53 11.89 11.01
N ILE A 471 -16.71 10.86 11.85
CA ILE A 471 -16.06 10.80 13.17
C ILE A 471 -14.54 10.65 13.03
N ILE A 472 -14.11 9.83 12.06
CA ILE A 472 -12.67 9.58 11.83
C ILE A 472 -11.97 10.80 11.23
N TYR A 473 -12.59 11.40 10.22
CA TYR A 473 -12.07 12.64 9.59
C TYR A 473 -11.87 13.77 10.60
N GLY A 474 -12.77 13.84 11.59
CA GLY A 474 -12.69 14.83 12.65
C GLY A 474 -11.49 14.65 13.54
N LEU A 475 -11.25 13.43 13.99
CA LEU A 475 -10.19 13.16 14.97
C LEU A 475 -8.77 13.21 14.38
N LEU A 476 -8.61 12.72 13.15
CA LEU A 476 -7.27 12.53 12.54
C LEU A 476 -6.85 13.63 11.56
N ASP A 477 -7.77 14.15 10.76
CA ASP A 477 -7.46 15.19 9.78
C ASP A 477 -7.79 16.56 10.36
N GLN A 478 -6.74 17.37 10.55
CA GLN A 478 -6.88 18.69 11.19
C GLN A 478 -7.64 19.71 10.33
N ASN A 479 -7.60 19.54 9.00
CA ASN A 479 -8.36 20.40 8.07
C ASN A 479 -9.85 20.23 8.22
N PHE A 480 -10.30 18.98 8.37
CA PHE A 480 -11.71 18.70 8.64
C PHE A 480 -12.13 19.25 10.00
N ARG A 481 -11.30 19.08 11.04
CA ARG A 481 -11.63 19.58 12.38
C ARG A 481 -11.66 21.11 12.43
N LYS A 482 -10.69 21.75 11.78
CA LYS A 482 -10.67 23.22 11.66
C LYS A 482 -11.88 23.75 10.87
N GLU A 483 -12.41 22.94 9.95
CA GLU A 483 -13.63 23.26 9.20
C GLU A 483 -14.95 22.94 9.92
N TYR A 484 -14.96 21.92 10.78
CA TYR A 484 -16.14 21.64 11.62
C TYR A 484 -16.39 22.82 12.58
N ARG A 485 -15.31 23.40 13.10
CA ARG A 485 -15.40 24.66 13.85
C ARG A 485 -16.01 25.78 13.01
N ARG A 486 -15.49 25.97 11.79
CA ARG A 486 -15.97 27.02 10.87
C ARG A 486 -17.41 26.80 10.39
N ILE A 487 -17.72 25.56 10.00
CA ILE A 487 -19.05 25.21 9.51
C ILE A 487 -20.11 25.34 10.60
N ILE A 488 -19.81 24.80 11.80
CA ILE A 488 -20.74 24.88 12.94
C ILE A 488 -20.86 26.28 13.53
N VAL A 489 -19.72 26.97 13.71
CA VAL A 489 -19.72 28.32 14.29
C VAL A 489 -20.20 29.42 13.35
N SER A 490 -20.41 29.12 12.06
CA SER A 490 -20.95 30.09 11.10
C SER A 490 -22.47 29.98 11.01
N LEU A 491 -22.97 28.78 10.76
CA LEU A 491 -24.41 28.55 10.61
C LEU A 491 -25.17 28.83 11.92
N CYS A 492 -24.86 28.06 12.96
CA CYS A 492 -25.55 28.18 14.26
C CYS A 492 -25.06 29.37 15.07
N THR A 493 -23.74 29.45 15.30
CA THR A 493 -23.16 30.49 16.16
C THR A 493 -23.09 31.86 15.48
N ALA A 494 -23.47 32.90 16.21
CA ALA A 494 -23.35 34.30 15.77
C ALA A 494 -24.28 34.71 14.63
N ARG A 495 -24.33 36.02 14.38
CA ARG A 495 -25.06 36.61 13.27
C ARG A 495 -24.65 38.08 13.11
N VAL A 496 -25.26 38.78 12.16
CA VAL A 496 -25.03 40.22 11.97
C VAL A 496 -25.60 41.03 13.13
N PHE A 497 -25.03 42.22 13.38
CA PHE A 497 -25.52 43.08 14.47
C PHE A 497 -24.92 44.50 14.43
N PHE A 498 -25.72 45.49 14.06
CA PHE A 498 -25.24 46.88 13.88
C PHE A 498 -25.28 47.68 15.18
N VAL A 499 -24.17 48.33 15.52
CA VAL A 499 -24.10 49.18 16.72
C VAL A 499 -24.77 50.53 16.48
C4 JEY B . -24.46 -6.73 1.58
C3 JEY B . -24.68 -8.23 1.81
C2 JEY B . -23.29 -10.29 2.38
O2 JEY B . -24.23 -10.84 2.86
C1 JEY B . -21.94 -11.01 2.37
O1 JEY B . -26.33 -7.69 -3.50
N1 JEY B . -23.41 -8.96 1.82
C10 JEY B . -26.69 -6.96 -2.36
C11 JEY B . -25.88 -6.98 -1.18
C12 JEY B . -26.27 -6.28 -0.06
C13 JEY B . -24.97 -7.77 -3.84
C14 JEY B . -25.80 -5.86 4.57
C15 JEY B . -25.54 -5.45 5.80
C16 JEY B . -25.59 -3.95 6.13
C17 JEY B . -25.89 -3.09 5.19
C18 JEY B . -26.19 -3.56 3.77
C19 JEY B . -26.15 -4.85 3.48
N2 JEY B . -27.55 -4.92 1.27
C5 JEY B . -25.79 -6.04 1.22
C6 JEY B . -26.45 -5.28 2.04
C7 JEY B . -27.51 -5.52 -0.10
C8 JEY B . -28.28 -5.50 -1.22
C9 JEY B . -27.90 -6.21 -2.35
#